data_6HLO
#
_entry.id   6HLO
#
_cell.length_a   62.189
_cell.length_b   76.450
_cell.length_c   167.124
_cell.angle_alpha   90.00
_cell.angle_beta   90.00
_cell.angle_gamma   90.00
#
_symmetry.space_group_name_H-M   'P 21 21 21'
#
loop_
_entity.id
_entity.type
_entity.pdbx_description
1 polymer 'Substance-P receptor,GlgA glycogen synthase,Substance-P receptor'
2 non-polymer 5-[[(2~{R},3~{S})-2-[(1~{R})-1-[3,5-bis(trifluoromethyl)phenyl]ethoxy]-3-(4-fluorophenyl)morpholin-4-yl]methyl]-1,2-dihydro-1,2,4-triazol-3-one
3 non-polymer 'CITRIC ACID'
4 non-polymer 'OLEIC ACID'
5 non-polymer '(2R)-2,3-dihydroxypropyl (9Z)-octadec-9-enoate'
6 water water
#
_entity_poly.entity_id   1
_entity_poly.type   'polypeptide(L)'
_entity_poly.pdbx_seq_one_letter_code
;MDNVLPVDSDLSPNISTNTSEPNQFVQPAWQIVLWAAAYTVIVVTSVVGNVVVMWIILAHKRMRTVTNYFLVNAAFAEAS
MAAFNTVVNFTYAVHNEWYYGLFYCKFHNFFPIAAIFASIYSMTAVAFDRYMAIIHPLQPRLSLTATKVVICVIWVLALL
LAFPQGYYSTTETMPSRVVCKIEWPEHPNKIYEKVYHICVTVLIYFLPLLVIGYLYTVVGITLRASGID(YCM)SFWNES
YLTGSRDERKKSLLSKFGMDEGVTFMFIGRFDRGQKGVDVLLKAIEILSSKKEFQEMRFIIIGKGDPELEGWARSLEEKH
GNVKVITEMLSREFVRELYGSVDFVIIPSYFEPFGLVALEAMCLGAIPIASAVGGLRDIITNETGILVKAGDPGELANAI
LKALELSRSDLSKFRENCKKRAMSFSEQVSAARKVVKMMIVVVCTFAICWLPFHIFFLLPYINPDLYLKKFIQQVYLAIM
WLAMSSTMYNPIIYCCLNDRFRLGFKHAFR(YCM)CPFISAGDYEGLE
;
_entity_poly.pdbx_strand_id   A
#
loop_
_chem_comp.id
_chem_comp.type
_chem_comp.name
_chem_comp.formula
CIT non-polymer 'CITRIC ACID' 'C6 H8 O7'
GBQ non-polymer 5-[[(2~{R},3~{S})-2-[(1~{R})-1-[3,5-bis(trifluoromethyl)phenyl]ethoxy]-3-(4-fluorophenyl)morpholin-4-yl]methyl]-1,2-dihydro-1,2,4-triazol-3-one 'C23 H21 F7 N4 O3'
OLA non-polymer 'OLEIC ACID' 'C18 H34 O2'
OLC non-polymer '(2R)-2,3-dihydroxypropyl (9Z)-octadec-9-enoate' 'C21 H40 O4'
#
# COMPACT_ATOMS: atom_id res chain seq x y z
N PRO A 28 -19.85 41.87 -10.70
CA PRO A 28 -20.80 41.17 -9.83
C PRO A 28 -20.28 41.06 -8.40
N ALA A 29 -20.56 42.07 -7.58
CA ALA A 29 -19.94 42.14 -6.26
C ALA A 29 -20.36 40.97 -5.36
N TRP A 30 -21.59 40.46 -5.52
CA TRP A 30 -22.02 39.35 -4.69
C TRP A 30 -21.19 38.09 -4.97
N GLN A 31 -20.80 37.88 -6.23
CA GLN A 31 -19.92 36.76 -6.55
C GLN A 31 -18.56 36.96 -5.89
N ILE A 32 -18.09 38.20 -5.83
CA ILE A 32 -16.81 38.47 -5.17
C ILE A 32 -16.91 38.19 -3.68
N VAL A 33 -18.06 38.51 -3.08
CA VAL A 33 -18.23 38.22 -1.65
C VAL A 33 -18.24 36.72 -1.40
N LEU A 34 -18.94 35.96 -2.25
CA LEU A 34 -18.97 34.51 -2.08
C LEU A 34 -17.60 33.89 -2.29
N TRP A 35 -16.84 34.41 -3.26
CA TRP A 35 -15.49 33.90 -3.48
C TRP A 35 -14.57 34.21 -2.32
N ALA A 36 -14.70 35.42 -1.74
CA ALA A 36 -13.87 35.76 -0.59
C ALA A 36 -14.21 34.88 0.60
N ALA A 37 -15.50 34.52 0.75
CA ALA A 37 -15.88 33.61 1.83
C ALA A 37 -15.28 32.22 1.61
N ALA A 38 -15.31 31.72 0.37
CA ALA A 38 -14.75 30.40 0.11
C ALA A 38 -13.25 30.38 0.36
N TYR A 39 -12.55 31.43 -0.07
CA TYR A 39 -11.11 31.49 0.14
C TYR A 39 -10.75 31.61 1.62
N THR A 40 -11.54 32.38 2.38
CA THR A 40 -11.30 32.44 3.82
C THR A 40 -11.57 31.10 4.50
N VAL A 41 -12.55 30.34 3.99
CA VAL A 41 -12.78 29.00 4.55
C VAL A 41 -11.55 28.13 4.31
N ILE A 42 -10.93 28.26 3.13
CA ILE A 42 -9.68 27.56 2.88
C ILE A 42 -8.64 27.95 3.92
N VAL A 43 -8.45 29.26 4.12
CA VAL A 43 -7.37 29.72 4.99
C VAL A 43 -7.57 29.19 6.40
N VAL A 44 -8.77 29.37 6.95
CA VAL A 44 -8.99 29.01 8.35
C VAL A 44 -8.94 27.50 8.54
N THR A 45 -9.55 26.73 7.64
CA THR A 45 -9.54 25.29 7.82
C THR A 45 -8.13 24.74 7.70
N SER A 46 -7.35 25.26 6.74
CA SER A 46 -5.99 24.76 6.57
C SER A 46 -5.12 25.09 7.78
N VAL A 47 -5.17 26.34 8.26
CA VAL A 47 -4.32 26.71 9.39
C VAL A 47 -4.70 25.90 10.62
N VAL A 48 -6.00 25.84 10.94
CA VAL A 48 -6.41 25.16 12.17
C VAL A 48 -6.09 23.67 12.10
N GLY A 49 -6.46 23.01 11.00
CA GLY A 49 -6.27 21.57 10.94
C GLY A 49 -4.81 21.17 10.88
N ASN A 50 -3.99 21.94 10.14
CA ASN A 50 -2.58 21.58 10.06
C ASN A 50 -1.84 21.90 11.36
N VAL A 51 -2.22 22.97 12.06
CA VAL A 51 -1.62 23.22 13.37
C VAL A 51 -2.00 22.12 14.35
N VAL A 52 -3.26 21.67 14.31
CA VAL A 52 -3.66 20.60 15.21
C VAL A 52 -2.96 19.30 14.86
N VAL A 53 -2.69 19.07 13.57
CA VAL A 53 -1.94 17.87 13.19
C VAL A 53 -0.52 17.93 13.71
N MET A 54 0.12 19.11 13.59
CA MET A 54 1.48 19.25 14.12
C MET A 54 1.50 19.08 15.63
N TRP A 55 0.46 19.55 16.32
CA TRP A 55 0.40 19.33 17.77
C TRP A 55 0.19 17.87 18.10
N ILE A 56 -0.65 17.17 17.35
CA ILE A 56 -0.91 15.77 17.61
C ILE A 56 0.37 14.96 17.46
N ILE A 57 1.15 15.26 16.44
CA ILE A 57 2.34 14.46 16.20
C ILE A 57 3.47 14.85 17.15
N LEU A 58 3.75 16.15 17.27
CA LEU A 58 4.94 16.59 18.00
C LEU A 58 4.78 16.48 19.52
N ALA A 59 3.58 16.70 20.04
CA ALA A 59 3.38 16.74 21.49
C ALA A 59 3.20 15.36 22.12
N HIS A 60 3.12 14.30 21.33
CA HIS A 60 2.87 12.96 21.84
C HIS A 60 3.98 12.03 21.39
N LYS A 61 4.72 11.46 22.35
CA LYS A 61 5.92 10.70 22.04
C LYS A 61 5.62 9.47 21.19
N ARG A 62 4.43 8.89 21.34
CA ARG A 62 4.08 7.74 20.52
C ARG A 62 3.97 8.11 19.05
N MET A 63 3.63 9.36 18.74
CA MET A 63 3.40 9.79 17.37
C MET A 63 4.69 10.14 16.63
N ARG A 64 5.84 10.19 17.29
CA ARG A 64 7.07 10.65 16.65
C ARG A 64 7.70 9.48 15.91
N THR A 65 7.28 9.30 14.65
CA THR A 65 7.82 8.29 13.76
C THR A 65 8.34 8.95 12.50
N VAL A 66 9.03 8.16 11.68
CA VAL A 66 9.53 8.64 10.39
C VAL A 66 8.39 9.19 9.55
N THR A 67 7.32 8.39 9.41
CA THR A 67 6.19 8.77 8.58
C THR A 67 5.54 10.04 9.12
N ASN A 68 5.35 10.12 10.44
CA ASN A 68 4.72 11.28 11.02
C ASN A 68 5.60 12.52 10.92
N TYR A 69 6.93 12.36 10.91
CA TYR A 69 7.79 13.54 10.72
C TYR A 69 7.62 14.10 9.31
N PHE A 70 7.58 13.22 8.30
CA PHE A 70 7.32 13.73 6.96
C PHE A 70 5.93 14.35 6.87
N LEU A 71 4.95 13.78 7.58
CA LEU A 71 3.61 14.36 7.57
C LEU A 71 3.57 15.73 8.24
N VAL A 72 4.36 15.91 9.31
CA VAL A 72 4.43 17.23 9.96
C VAL A 72 5.09 18.24 9.04
N ASN A 73 6.11 17.82 8.28
CA ASN A 73 6.73 18.74 7.34
C ASN A 73 5.74 19.17 6.27
N ALA A 74 4.95 18.22 5.76
CA ALA A 74 3.96 18.56 4.74
C ALA A 74 2.87 19.46 5.31
N ALA A 75 2.45 19.19 6.56
CA ALA A 75 1.42 20.02 7.18
C ALA A 75 1.93 21.44 7.40
N PHE A 76 3.20 21.58 7.77
CA PHE A 76 3.77 22.91 7.95
C PHE A 76 3.85 23.65 6.62
N ALA A 77 4.26 22.96 5.55
CA ALA A 77 4.35 23.62 4.25
C ALA A 77 2.98 24.08 3.78
N GLU A 78 1.96 23.23 3.94
CA GLU A 78 0.62 23.58 3.45
C GLU A 78 -0.01 24.68 4.30
N ALA A 79 0.16 24.62 5.62
CA ALA A 79 -0.37 25.68 6.47
C ALA A 79 0.31 27.01 6.18
N SER A 80 1.62 26.98 5.91
CA SER A 80 2.32 28.22 5.59
C SER A 80 1.85 28.81 4.27
N MET A 81 1.62 27.96 3.26
CA MET A 81 1.15 28.48 1.99
C MET A 81 -0.25 29.08 2.13
N ALA A 82 -1.14 28.38 2.83
CA ALA A 82 -2.50 28.91 3.00
C ALA A 82 -2.49 30.20 3.82
N ALA A 83 -1.59 30.30 4.81
CA ALA A 83 -1.57 31.48 5.66
C ALA A 83 -0.94 32.68 4.96
N PHE A 84 0.02 32.47 4.07
CA PHE A 84 0.81 33.57 3.55
C PHE A 84 0.60 33.85 2.06
N ASN A 85 -0.26 33.12 1.36
CA ASN A 85 -0.42 33.42 -0.05
C ASN A 85 -1.87 33.60 -0.49
N THR A 86 -2.80 32.95 0.21
CA THR A 86 -4.16 32.83 -0.30
C THR A 86 -4.84 34.19 -0.43
N VAL A 87 -4.66 35.07 0.55
CA VAL A 87 -5.41 36.32 0.57
C VAL A 87 -4.98 37.22 -0.58
N VAL A 88 -3.67 37.42 -0.74
CA VAL A 88 -3.21 38.27 -1.81
C VAL A 88 -3.43 37.61 -3.17
N ASN A 89 -3.37 36.28 -3.25
CA ASN A 89 -3.70 35.63 -4.51
C ASN A 89 -5.13 35.94 -4.91
N PHE A 90 -6.05 35.90 -3.95
CA PHE A 90 -7.44 36.22 -4.26
C PHE A 90 -7.60 37.69 -4.64
N THR A 91 -7.05 38.60 -3.84
CA THR A 91 -7.27 40.02 -4.10
C THR A 91 -6.64 40.44 -5.42
N TYR A 92 -5.42 39.97 -5.72
CA TYR A 92 -4.79 40.31 -6.98
C TYR A 92 -5.52 39.67 -8.16
N ALA A 93 -6.08 38.47 -7.99
CA ALA A 93 -6.88 37.90 -9.06
C ALA A 93 -8.17 38.69 -9.31
N VAL A 94 -8.72 39.29 -8.26
CA VAL A 94 -9.97 40.05 -8.39
C VAL A 94 -9.71 41.49 -8.84
N HIS A 95 -8.63 42.10 -8.36
CA HIS A 95 -8.29 43.49 -8.64
C HIS A 95 -6.87 43.50 -9.18
N ASN A 96 -6.71 43.70 -10.49
CA ASN A 96 -5.46 43.39 -11.17
C ASN A 96 -4.44 44.51 -11.10
N GLU A 97 -4.24 45.09 -9.91
CA GLU A 97 -3.17 46.05 -9.68
C GLU A 97 -2.42 45.67 -8.41
N TRP A 98 -1.10 45.71 -8.48
CA TRP A 98 -0.25 45.25 -7.38
C TRP A 98 0.05 46.40 -6.43
N TYR A 99 -0.43 46.30 -5.19
CA TYR A 99 -0.24 47.33 -4.18
C TYR A 99 0.65 46.89 -3.02
N TYR A 100 1.25 45.70 -3.11
CA TYR A 100 1.71 44.99 -1.92
C TYR A 100 3.23 45.00 -1.73
N GLY A 101 3.97 45.67 -2.60
CA GLY A 101 5.40 45.82 -2.42
C GLY A 101 6.20 44.81 -3.24
N LEU A 102 7.49 45.14 -3.42
CA LEU A 102 8.35 44.32 -4.26
C LEU A 102 8.70 42.99 -3.59
N PHE A 103 9.07 43.03 -2.31
CA PHE A 103 9.47 41.81 -1.64
C PHE A 103 8.31 40.83 -1.58
N TYR A 104 7.10 41.32 -1.34
CA TYR A 104 5.96 40.41 -1.33
C TYR A 104 5.64 39.91 -2.73
N CYS A 105 5.95 40.70 -3.77
CA CYS A 105 5.77 40.19 -5.12
C CYS A 105 6.69 39.00 -5.38
N LYS A 106 7.95 39.10 -4.92
CA LYS A 106 8.87 37.98 -5.07
C LYS A 106 8.40 36.78 -4.24
N PHE A 107 8.00 37.02 -2.98
CA PHE A 107 7.55 35.92 -2.13
C PHE A 107 6.30 35.26 -2.69
N HIS A 108 5.40 36.06 -3.27
CA HIS A 108 4.17 35.57 -3.84
C HIS A 108 4.43 34.70 -5.06
N ASN A 109 5.48 34.99 -5.82
CA ASN A 109 5.85 34.09 -6.90
C ASN A 109 6.79 32.96 -6.50
N PHE A 110 7.40 33.03 -5.31
CA PHE A 110 8.42 32.09 -4.89
C PHE A 110 7.90 30.99 -3.98
N PHE A 111 7.27 31.35 -2.88
CA PHE A 111 6.94 30.38 -1.84
C PHE A 111 6.05 29.23 -2.30
N PRO A 112 4.97 29.42 -3.08
CA PRO A 112 4.11 28.27 -3.38
C PRO A 112 4.85 27.13 -4.05
N ILE A 113 5.83 27.43 -4.91
CA ILE A 113 6.60 26.36 -5.56
C ILE A 113 7.40 25.58 -4.52
N ALA A 114 8.09 26.28 -3.62
CA ALA A 114 8.88 25.60 -2.60
C ALA A 114 8.00 24.81 -1.65
N ALA A 115 6.83 25.36 -1.31
CA ALA A 115 5.96 24.69 -0.35
C ALA A 115 5.33 23.43 -0.94
N ILE A 116 4.83 23.52 -2.17
CA ILE A 116 4.26 22.34 -2.81
C ILE A 116 5.34 21.30 -3.06
N PHE A 117 6.56 21.73 -3.40
CA PHE A 117 7.66 20.79 -3.57
C PHE A 117 7.92 20.04 -2.26
N ALA A 118 8.03 20.79 -1.16
CA ALA A 118 8.35 20.17 0.12
C ALA A 118 7.26 19.19 0.53
N SER A 119 5.99 19.55 0.31
CA SER A 119 4.91 18.67 0.74
C SER A 119 4.83 17.41 -0.11
N ILE A 120 4.87 17.55 -1.44
CA ILE A 120 4.73 16.37 -2.28
C ILE A 120 5.93 15.44 -2.11
N TYR A 121 7.13 15.98 -1.87
CA TYR A 121 8.25 15.08 -1.65
C TYR A 121 8.28 14.48 -0.25
N SER A 122 7.67 15.14 0.74
CA SER A 122 7.44 14.47 2.01
C SER A 122 6.49 13.29 1.84
N MET A 123 5.45 13.47 1.02
CA MET A 123 4.56 12.33 0.73
C MET A 123 5.29 11.23 -0.03
N THR A 124 6.19 11.62 -0.93
CA THR A 124 6.97 10.64 -1.66
C THR A 124 7.88 9.85 -0.73
N ALA A 125 8.46 10.53 0.27
CA ALA A 125 9.30 9.82 1.24
C ALA A 125 8.47 8.88 2.09
N VAL A 126 7.24 9.27 2.44
CA VAL A 126 6.37 8.36 3.20
C VAL A 126 6.08 7.10 2.38
N ALA A 127 5.74 7.29 1.11
CA ALA A 127 5.45 6.13 0.26
C ALA A 127 6.68 5.24 0.10
N PHE A 128 7.86 5.85 -0.02
CA PHE A 128 9.07 5.06 -0.17
C PHE A 128 9.39 4.28 1.09
N ASP A 129 9.15 4.89 2.26
CA ASP A 129 9.39 4.17 3.50
C ASP A 129 8.44 2.98 3.64
N ARG A 130 7.19 3.15 3.20
CA ARG A 130 6.26 2.02 3.25
C ARG A 130 6.66 0.92 2.27
N TYR A 131 7.08 1.31 1.06
CA TYR A 131 7.52 0.33 0.07
C TYR A 131 8.74 -0.43 0.55
N MET A 132 9.64 0.24 1.28
CA MET A 132 10.81 -0.46 1.80
C MET A 132 10.42 -1.41 2.93
N ALA A 133 9.55 -0.96 3.84
CA ALA A 133 9.17 -1.81 4.97
C ALA A 133 8.44 -3.06 4.50
N ILE A 134 7.69 -2.97 3.41
CA ILE A 134 6.87 -4.09 2.95
C ILE A 134 7.57 -4.94 1.89
N ILE A 135 8.21 -4.31 0.92
CA ILE A 135 8.82 -5.04 -0.19
C ILE A 135 10.23 -5.54 0.14
N HIS A 136 11.00 -4.78 0.94
CA HIS A 136 12.36 -5.18 1.32
C HIS A 136 12.54 -4.99 2.81
N PRO A 137 11.86 -5.81 3.63
CA PRO A 137 11.94 -5.63 5.09
C PRO A 137 13.35 -5.75 5.66
N LEU A 138 14.22 -6.57 5.06
CA LEU A 138 15.57 -6.75 5.59
C LEU A 138 16.43 -5.48 5.42
N GLN A 139 16.15 -4.68 4.41
CA GLN A 139 17.00 -3.53 4.13
C GLN A 139 16.79 -2.45 5.18
N PRO A 140 17.85 -1.78 5.64
CA PRO A 140 17.69 -0.73 6.65
C PRO A 140 16.86 0.43 6.12
N ARG A 141 16.08 1.02 7.02
CA ARG A 141 15.29 2.20 6.73
C ARG A 141 15.88 3.41 7.45
N LEU A 142 15.29 4.57 7.20
CA LEU A 142 15.77 5.81 7.80
C LEU A 142 15.59 5.82 9.31
N SER A 143 16.61 6.30 10.02
CA SER A 143 16.50 6.70 11.41
C SER A 143 15.86 8.09 11.49
N LEU A 144 15.41 8.45 12.70
CA LEU A 144 14.73 9.73 12.87
C LEU A 144 15.63 10.91 12.52
N THR A 145 16.90 10.85 12.94
CA THR A 145 17.83 11.91 12.57
C THR A 145 18.07 11.94 11.06
N ALA A 146 18.08 10.76 10.44
CA ALA A 146 18.22 10.71 8.99
C ALA A 146 17.01 11.34 8.31
N THR A 147 15.82 11.19 8.89
CA THR A 147 14.64 11.82 8.32
C THR A 147 14.69 13.33 8.50
N LYS A 148 15.22 13.82 9.63
CA LYS A 148 15.37 15.26 9.78
C LYS A 148 16.34 15.80 8.73
N VAL A 149 17.41 15.05 8.45
CA VAL A 149 18.35 15.47 7.40
C VAL A 149 17.67 15.46 6.04
N VAL A 150 16.85 14.45 5.77
CA VAL A 150 16.15 14.37 4.48
C VAL A 150 15.18 15.52 4.35
N ILE A 151 14.54 15.92 5.45
CA ILE A 151 13.60 17.04 5.40
C ILE A 151 14.34 18.34 5.12
N CYS A 152 15.52 18.52 5.72
CA CYS A 152 16.31 19.71 5.42
C CYS A 152 16.75 19.73 3.96
N VAL A 153 17.15 18.57 3.43
CA VAL A 153 17.56 18.50 2.02
C VAL A 153 16.37 18.80 1.11
N ILE A 154 15.18 18.34 1.52
CA ILE A 154 13.98 18.59 0.74
C ILE A 154 13.70 20.09 0.68
N TRP A 155 13.79 20.78 1.83
CA TRP A 155 13.54 22.21 1.83
C TRP A 155 14.60 22.97 1.05
N VAL A 156 15.85 22.53 1.09
CA VAL A 156 16.89 23.21 0.33
C VAL A 156 16.62 23.08 -1.17
N LEU A 157 16.26 21.87 -1.61
CA LEU A 157 15.96 21.68 -3.03
C LEU A 157 14.71 22.46 -3.43
N ALA A 158 13.74 22.57 -2.52
CA ALA A 158 12.53 23.33 -2.83
C ALA A 158 12.84 24.80 -3.02
N LEU A 159 13.66 25.36 -2.12
CA LEU A 159 14.02 26.78 -2.24
C LEU A 159 14.84 27.02 -3.50
N LEU A 160 15.74 26.09 -3.84
CA LEU A 160 16.54 26.28 -5.04
C LEU A 160 15.67 26.20 -6.30
N LEU A 161 14.73 25.27 -6.34
CA LEU A 161 13.85 25.18 -7.50
C LEU A 161 12.96 26.41 -7.62
N ALA A 162 12.52 26.97 -6.50
CA ALA A 162 11.66 28.16 -6.55
C ALA A 162 12.44 29.44 -6.80
N PHE A 163 13.77 29.43 -6.61
CA PHE A 163 14.53 30.67 -6.67
C PHE A 163 14.39 31.43 -7.98
N PRO A 164 14.54 30.82 -9.17
CA PRO A 164 14.49 31.64 -10.39
C PRO A 164 13.19 32.42 -10.57
N GLN A 165 12.07 31.84 -10.15
CA GLN A 165 10.79 32.52 -10.31
C GLN A 165 10.67 33.72 -9.38
N GLY A 166 11.22 33.62 -8.17
CA GLY A 166 11.22 34.78 -7.28
C GLY A 166 12.25 35.81 -7.65
N TYR A 167 13.38 35.38 -8.22
CA TYR A 167 14.45 36.31 -8.58
C TYR A 167 14.02 37.25 -9.70
N TYR A 168 13.24 36.76 -10.66
CA TYR A 168 12.84 37.53 -11.81
C TYR A 168 11.51 38.26 -11.62
N SER A 169 10.82 38.06 -10.50
CA SER A 169 9.62 38.83 -10.23
C SER A 169 9.99 40.28 -9.93
N THR A 170 9.16 41.21 -10.43
CA THR A 170 9.31 42.62 -10.14
C THR A 170 7.96 43.30 -10.22
N THR A 171 7.86 44.43 -9.54
CA THR A 171 6.75 45.36 -9.76
C THR A 171 7.15 46.35 -10.85
N GLU A 172 6.19 46.65 -11.73
CA GLU A 172 6.46 47.57 -12.83
C GLU A 172 5.15 48.12 -13.35
N THR A 173 5.18 49.38 -13.75
CA THR A 173 4.05 49.98 -14.46
C THR A 173 3.95 49.35 -15.85
N MET A 174 2.71 49.02 -16.28
CA MET A 174 2.50 48.25 -17.50
C MET A 174 1.31 48.77 -18.30
N PRO A 175 1.44 49.96 -18.93
CA PRO A 175 2.51 50.94 -18.83
C PRO A 175 2.22 52.02 -17.79
N SER A 176 0.98 52.12 -17.32
CA SER A 176 0.60 53.19 -16.38
C SER A 176 0.26 52.69 -14.99
N ARG A 177 -0.12 51.44 -14.81
CA ARG A 177 -0.55 50.92 -13.51
C ARG A 177 0.35 49.77 -13.08
N VAL A 178 0.62 49.71 -11.77
CA VAL A 178 1.59 48.75 -11.24
C VAL A 178 1.07 47.33 -11.35
N VAL A 179 1.95 46.41 -11.73
CA VAL A 179 1.69 44.98 -11.73
C VAL A 179 2.91 44.25 -11.18
N CYS A 180 2.68 43.05 -10.67
CA CYS A 180 3.76 42.12 -10.32
C CYS A 180 3.88 41.10 -11.44
N LYS A 181 5.09 40.93 -11.97
CA LYS A 181 5.28 40.14 -13.16
C LYS A 181 6.67 39.51 -13.14
N ILE A 182 6.77 38.30 -13.69
CA ILE A 182 8.03 37.58 -13.81
C ILE A 182 8.70 38.02 -15.11
N GLU A 183 9.90 38.60 -15.00
CA GLU A 183 10.59 39.21 -16.13
C GLU A 183 11.92 38.48 -16.34
N TRP A 184 11.89 37.42 -17.13
CA TRP A 184 13.11 36.73 -17.51
C TRP A 184 13.93 37.59 -18.46
N PRO A 185 15.25 37.40 -18.51
CA PRO A 185 16.07 38.22 -19.40
C PRO A 185 15.62 38.00 -20.84
N GLU A 186 15.65 39.06 -21.63
CA GLU A 186 15.02 39.01 -22.94
C GLU A 186 15.79 38.06 -23.85
N HIS A 187 15.13 37.00 -24.28
CA HIS A 187 15.60 36.02 -25.22
C HIS A 187 14.60 35.92 -26.36
N PRO A 188 15.06 35.69 -27.59
CA PRO A 188 14.12 35.79 -28.74
C PRO A 188 12.94 34.85 -28.66
N ASN A 189 13.09 33.66 -28.08
CA ASN A 189 12.00 32.70 -28.00
C ASN A 189 11.54 32.42 -26.57
N LYS A 190 12.09 33.11 -25.57
CA LYS A 190 11.76 32.87 -24.16
C LYS A 190 11.98 31.41 -23.77
N ILE A 191 13.00 30.78 -24.34
CA ILE A 191 13.18 29.34 -24.19
C ILE A 191 13.50 28.99 -22.74
N TYR A 192 14.27 29.83 -22.04
CA TYR A 192 14.66 29.48 -20.68
C TYR A 192 13.48 29.49 -19.73
N GLU A 193 12.62 30.50 -19.84
CA GLU A 193 11.46 30.58 -18.96
C GLU A 193 10.51 29.42 -19.21
N LYS A 194 10.35 29.02 -20.47
CA LYS A 194 9.45 27.92 -20.82
C LYS A 194 9.99 26.60 -20.28
N VAL A 195 11.28 26.34 -20.47
CA VAL A 195 11.88 25.12 -19.95
C VAL A 195 11.82 25.09 -18.43
N TYR A 196 11.99 26.24 -17.79
CA TYR A 196 11.91 26.29 -16.34
C TYR A 196 10.50 25.96 -15.85
N HIS A 197 9.49 26.51 -16.51
CA HIS A 197 8.12 26.22 -16.12
C HIS A 197 7.77 24.76 -16.31
N ILE A 198 8.21 24.18 -17.44
CA ILE A 198 7.93 22.76 -17.69
C ILE A 198 8.61 21.90 -16.65
N CYS A 199 9.85 22.25 -16.28
CA CYS A 199 10.58 21.46 -15.31
C CYS A 199 9.95 21.53 -13.93
N VAL A 200 9.47 22.72 -13.55
CA VAL A 200 8.81 22.84 -12.25
C VAL A 200 7.53 22.03 -12.22
N THR A 201 6.75 22.09 -13.31
CA THR A 201 5.51 21.32 -13.35
C THR A 201 5.78 19.83 -13.29
N VAL A 202 6.87 19.37 -13.89
CA VAL A 202 7.19 17.95 -13.81
C VAL A 202 7.64 17.58 -12.40
N LEU A 203 8.54 18.38 -11.82
CA LEU A 203 9.12 18.02 -10.52
C LEU A 203 8.11 18.08 -9.39
N ILE A 204 7.12 18.98 -9.44
CA ILE A 204 6.16 19.08 -8.34
C ILE A 204 4.82 18.44 -8.65
N TYR A 205 4.67 17.84 -9.83
CA TYR A 205 3.40 17.17 -10.11
C TYR A 205 3.59 15.80 -10.76
N PHE A 206 4.00 15.76 -12.02
CA PHE A 206 3.92 14.51 -12.78
C PHE A 206 4.89 13.47 -12.25
N LEU A 207 6.16 13.81 -12.12
CA LEU A 207 7.14 12.82 -11.66
C LEU A 207 6.85 12.28 -10.26
N PRO A 208 6.64 13.10 -9.22
CA PRO A 208 6.31 12.52 -7.91
C PRO A 208 5.04 11.69 -7.92
N LEU A 209 4.04 12.08 -8.73
CA LEU A 209 2.83 11.28 -8.80
C LEU A 209 3.08 9.93 -9.43
N LEU A 210 3.93 9.88 -10.47
CA LEU A 210 4.27 8.59 -11.07
C LEU A 210 5.03 7.71 -10.10
N VAL A 211 5.94 8.31 -9.34
CA VAL A 211 6.75 7.52 -8.40
C VAL A 211 5.86 6.96 -7.29
N ILE A 212 5.03 7.83 -6.69
CA ILE A 212 4.12 7.39 -5.64
C ILE A 212 3.11 6.38 -6.18
N GLY A 213 2.72 6.52 -7.45
CA GLY A 213 1.77 5.58 -8.01
C GLY A 213 2.37 4.20 -8.19
N TYR A 214 3.63 4.14 -8.63
CA TYR A 214 4.30 2.86 -8.70
C TYR A 214 4.41 2.24 -7.31
N LEU A 215 4.85 3.04 -6.34
CA LEU A 215 5.12 2.51 -5.01
C LEU A 215 3.84 1.96 -4.38
N TYR A 216 2.77 2.75 -4.40
CA TYR A 216 1.53 2.29 -3.79
C TYR A 216 0.79 1.26 -4.63
N THR A 217 1.04 1.18 -5.94
CA THR A 217 0.46 0.07 -6.69
C THR A 217 1.10 -1.25 -6.28
N VAL A 218 2.44 -1.28 -6.20
CA VAL A 218 3.12 -2.50 -5.78
C VAL A 218 2.70 -2.86 -4.36
N VAL A 219 2.69 -1.87 -3.46
CA VAL A 219 2.38 -2.17 -2.07
C VAL A 219 0.92 -2.58 -1.90
N GLY A 220 -0.01 -1.90 -2.56
CA GLY A 220 -1.41 -2.22 -2.37
C GLY A 220 -1.78 -3.56 -2.96
N ILE A 221 -1.19 -3.91 -4.11
CA ILE A 221 -1.43 -5.23 -4.66
C ILE A 221 -0.84 -6.30 -3.74
N THR A 222 0.38 -6.09 -3.26
CA THR A 222 1.01 -7.11 -2.43
C THR A 222 0.25 -7.30 -1.11
N LEU A 223 -0.31 -6.22 -0.57
CA LEU A 223 -1.07 -6.36 0.68
C LEU A 223 -2.42 -7.03 0.44
N ARG A 224 -3.13 -6.64 -0.62
CA ARG A 224 -4.42 -7.26 -0.88
C ARG A 224 -4.26 -8.75 -1.20
N ALA A 225 -3.19 -9.10 -1.90
CA ALA A 225 -2.95 -10.51 -2.25
C ALA A 225 -2.57 -11.34 -1.03
N SER A 226 -2.11 -10.70 0.04
CA SER A 226 -1.77 -11.41 1.26
C SER A 226 -2.94 -11.36 2.24
N GLY A 227 -4.05 -10.71 1.92
CA GLY A 227 -5.09 -10.76 2.92
C GLY A 227 -5.91 -12.04 2.87
N ILE A 228 -6.65 -12.30 3.95
CA ILE A 228 -7.52 -13.47 4.04
C ILE A 228 -8.75 -13.07 4.85
N ASP A 229 -9.87 -13.71 4.55
CA ASP A 229 -11.10 -13.49 5.30
C ASP A 229 -11.13 -14.39 6.54
N YCM A 230 -10.74 -13.84 7.69
CA YCM A 230 -10.69 -14.62 8.95
CB YCM A 230 -9.90 -13.87 10.02
SG YCM A 230 -8.21 -13.71 9.55
CD YCM A 230 -7.83 -15.42 9.63
CE YCM A 230 -7.74 -15.85 11.08
OZ1 YCM A 230 -7.06 -15.21 11.86
NZ2 YCM A 230 -8.45 -16.92 11.43
C YCM A 230 -12.06 -14.92 9.47
O YCM A 230 -12.22 -15.77 10.35
N SER A 231 -13.06 -14.22 8.94
CA SER A 231 -14.43 -14.48 9.35
C SER A 231 -14.94 -15.77 8.74
N PHE A 232 -14.29 -16.23 7.67
CA PHE A 232 -14.63 -17.52 7.07
C PHE A 232 -13.61 -18.61 7.39
N TRP A 233 -12.33 -18.37 7.11
CA TRP A 233 -11.29 -19.38 7.34
C TRP A 233 -10.95 -19.37 8.82
N ASN A 234 -11.80 -20.03 9.60
CA ASN A 234 -11.72 -20.01 11.05
C ASN A 234 -12.16 -21.38 11.56
N GLU A 235 -11.37 -21.95 12.47
CA GLU A 235 -11.67 -23.28 12.97
C GLU A 235 -12.95 -23.31 13.79
N SER A 236 -13.41 -22.15 14.28
CA SER A 236 -14.57 -22.10 15.17
C SER A 236 -15.84 -22.64 14.51
N TYR A 237 -15.92 -22.59 13.18
CA TYR A 237 -17.11 -23.07 12.48
C TYR A 237 -17.09 -24.57 12.21
N LEU A 238 -15.97 -25.26 12.47
CA LEU A 238 -15.94 -26.71 12.46
C LEU A 238 -16.56 -27.26 13.75
N THR A 239 -17.09 -28.47 13.66
CA THR A 239 -17.68 -29.13 14.82
C THR A 239 -16.92 -30.42 15.14
N GLY A 240 -16.85 -30.73 16.43
CA GLY A 240 -16.22 -31.96 16.88
C GLY A 240 -14.71 -31.82 16.99
N SER A 241 -14.10 -32.90 17.47
CA SER A 241 -12.64 -32.97 17.58
C SER A 241 -12.02 -33.18 16.20
N ARG A 242 -10.76 -32.75 16.07
CA ARG A 242 -10.07 -32.93 14.80
C ARG A 242 -9.92 -34.39 14.43
N ASP A 243 -9.75 -35.27 15.43
CA ASP A 243 -9.59 -36.69 15.13
C ASP A 243 -10.88 -37.29 14.57
N GLU A 244 -12.03 -36.92 15.15
CA GLU A 244 -13.30 -37.41 14.60
C GLU A 244 -13.53 -36.89 13.19
N ARG A 245 -13.12 -35.64 12.93
CA ARG A 245 -13.30 -35.09 11.59
C ARG A 245 -12.41 -35.81 10.58
N LYS A 246 -11.15 -36.09 10.96
CA LYS A 246 -10.28 -36.79 10.03
C LYS A 246 -10.74 -38.21 9.79
N LYS A 247 -11.25 -38.89 10.83
CA LYS A 247 -11.74 -40.24 10.64
C LYS A 247 -12.96 -40.25 9.73
N SER A 248 -13.89 -39.30 9.93
CA SER A 248 -15.07 -39.24 9.07
C SER A 248 -14.69 -38.91 7.63
N LEU A 249 -13.66 -38.07 7.45
CA LEU A 249 -13.24 -37.71 6.10
C LEU A 249 -12.62 -38.91 5.38
N LEU A 250 -11.70 -39.60 6.05
CA LEU A 250 -11.10 -40.78 5.44
C LEU A 250 -12.13 -41.86 5.18
N SER A 251 -13.13 -41.98 6.07
CA SER A 251 -14.19 -42.96 5.85
C SER A 251 -15.05 -42.59 4.65
N LYS A 252 -15.28 -41.30 4.43
CA LYS A 252 -15.98 -40.87 3.23
C LYS A 252 -15.16 -41.17 1.99
N PHE A 253 -13.84 -41.12 2.10
CA PHE A 253 -12.97 -41.49 0.99
C PHE A 253 -12.68 -42.99 0.91
N GLY A 254 -13.21 -43.78 1.85
CA GLY A 254 -13.00 -45.21 1.83
C GLY A 254 -11.70 -45.68 2.47
N MET A 255 -10.99 -44.82 3.18
CA MET A 255 -9.73 -45.17 3.81
C MET A 255 -9.89 -45.25 5.32
N ASP A 256 -9.02 -46.05 5.94
CA ASP A 256 -8.90 -46.11 7.38
C ASP A 256 -7.88 -45.07 7.88
N GLU A 257 -7.85 -44.88 9.19
CA GLU A 257 -7.12 -43.77 9.79
C GLU A 257 -5.62 -43.83 9.46
N GLY A 258 -5.05 -42.66 9.23
CA GLY A 258 -3.62 -42.52 8.99
C GLY A 258 -3.26 -41.05 8.94
N VAL A 259 -1.96 -40.78 8.84
CA VAL A 259 -1.49 -39.40 8.75
C VAL A 259 -1.83 -38.87 7.36
N THR A 260 -2.62 -37.80 7.31
CA THR A 260 -3.28 -37.38 6.09
C THR A 260 -2.65 -36.10 5.54
N PHE A 261 -2.14 -36.18 4.31
CA PHE A 261 -1.55 -35.08 3.58
C PHE A 261 -2.50 -34.64 2.48
N MET A 262 -2.59 -33.32 2.24
CA MET A 262 -3.49 -32.77 1.25
C MET A 262 -2.74 -31.80 0.33
N PHE A 263 -3.02 -31.92 -0.96
CA PHE A 263 -2.61 -30.94 -1.96
C PHE A 263 -3.85 -30.40 -2.65
N ILE A 264 -3.86 -29.10 -2.93
CA ILE A 264 -4.91 -28.48 -3.74
C ILE A 264 -4.29 -27.42 -4.64
N GLY A 265 -4.61 -27.48 -5.92
CA GLY A 265 -4.09 -26.52 -6.88
C GLY A 265 -4.15 -27.09 -8.28
N ARG A 266 -3.84 -26.22 -9.24
CA ARG A 266 -3.86 -26.61 -10.64
C ARG A 266 -2.78 -27.65 -10.92
N PHE A 267 -3.11 -28.60 -11.79
CA PHE A 267 -2.12 -29.59 -12.25
C PHE A 267 -1.35 -28.97 -13.43
N ASP A 268 -0.06 -28.73 -13.23
CA ASP A 268 0.75 -28.10 -14.27
C ASP A 268 2.22 -28.41 -14.01
N ARG A 269 3.05 -28.06 -14.98
CA ARG A 269 4.50 -28.24 -14.87
C ARG A 269 5.16 -26.89 -14.63
N GLY A 270 6.07 -26.85 -13.66
CA GLY A 270 6.87 -25.68 -13.42
C GLY A 270 6.20 -24.57 -12.62
N GLN A 271 5.01 -24.81 -12.09
CA GLN A 271 4.31 -23.75 -11.35
C GLN A 271 3.88 -24.22 -9.97
N LYS A 272 2.76 -24.95 -9.89
CA LYS A 272 2.21 -25.36 -8.59
C LYS A 272 2.83 -26.62 -8.03
N GLY A 273 3.62 -27.35 -8.81
CA GLY A 273 4.43 -28.43 -8.28
C GLY A 273 3.76 -29.79 -8.07
N VAL A 274 2.60 -30.03 -8.67
CA VAL A 274 1.96 -31.33 -8.46
C VAL A 274 2.82 -32.46 -9.03
N ASP A 275 3.63 -32.17 -10.05
CA ASP A 275 4.54 -33.20 -10.56
C ASP A 275 5.58 -33.57 -9.51
N VAL A 276 6.04 -32.58 -8.73
CA VAL A 276 6.99 -32.86 -7.66
C VAL A 276 6.35 -33.75 -6.60
N LEU A 277 5.08 -33.47 -6.28
CA LEU A 277 4.37 -34.29 -5.30
C LEU A 277 4.16 -35.71 -5.82
N LEU A 278 3.86 -35.86 -7.11
CA LEU A 278 3.66 -37.20 -7.65
C LEU A 278 4.95 -38.01 -7.65
N LYS A 279 6.07 -37.36 -8.00
CA LYS A 279 7.35 -38.04 -7.90
C LYS A 279 7.67 -38.41 -6.45
N ALA A 280 7.32 -37.54 -5.50
CA ALA A 280 7.55 -37.85 -4.10
C ALA A 280 6.71 -39.03 -3.64
N ILE A 281 5.46 -39.12 -4.12
CA ILE A 281 4.61 -40.23 -3.76
C ILE A 281 5.17 -41.53 -4.33
N GLU A 282 5.66 -41.49 -5.57
CA GLU A 282 6.28 -42.69 -6.14
C GLU A 282 7.55 -43.09 -5.40
N ILE A 283 8.31 -42.11 -4.90
CA ILE A 283 9.50 -42.44 -4.12
C ILE A 283 9.12 -43.09 -2.80
N LEU A 284 8.11 -42.54 -2.13
CA LEU A 284 7.69 -43.08 -0.83
C LEU A 284 6.99 -44.42 -0.95
N SER A 285 6.43 -44.74 -2.12
CA SER A 285 5.55 -45.91 -2.23
C SER A 285 6.29 -47.21 -1.91
N SER A 286 7.60 -47.26 -2.13
CA SER A 286 8.35 -48.48 -1.83
C SER A 286 8.68 -48.64 -0.35
N LYS A 287 8.56 -47.59 0.45
CA LYS A 287 8.89 -47.65 1.87
C LYS A 287 7.74 -48.23 2.69
N LYS A 288 8.08 -48.87 3.81
CA LYS A 288 7.06 -49.37 4.72
C LYS A 288 6.25 -48.24 5.34
N GLU A 289 6.88 -47.08 5.55
CA GLU A 289 6.18 -45.93 6.14
C GLU A 289 5.02 -45.48 5.26
N PHE A 290 5.06 -45.80 3.96
CA PHE A 290 3.98 -45.43 3.07
C PHE A 290 2.66 -46.04 3.52
N GLN A 291 2.71 -47.16 4.26
CA GLN A 291 1.48 -47.76 4.76
C GLN A 291 0.74 -46.79 5.68
N GLU A 292 1.46 -46.00 6.45
CA GLU A 292 0.86 -45.15 7.47
C GLU A 292 0.33 -43.83 6.93
N MET A 293 0.60 -43.50 5.66
CA MET A 293 0.24 -42.22 5.09
C MET A 293 -1.05 -42.32 4.26
N ARG A 294 -1.73 -41.18 4.13
CA ARG A 294 -2.89 -41.01 3.27
C ARG A 294 -2.69 -39.72 2.50
N PHE A 295 -3.11 -39.70 1.24
CA PHE A 295 -2.90 -38.54 0.38
C PHE A 295 -4.20 -38.16 -0.30
N ILE A 296 -4.50 -36.87 -0.33
CA ILE A 296 -5.69 -36.33 -0.99
C ILE A 296 -5.23 -35.23 -1.93
N ILE A 297 -5.35 -35.47 -3.23
CA ILE A 297 -4.83 -34.58 -4.26
C ILE A 297 -6.02 -33.99 -5.01
N ILE A 298 -6.17 -32.67 -4.88
CA ILE A 298 -7.32 -31.95 -5.45
C ILE A 298 -6.85 -30.97 -6.52
N GLY A 299 -7.47 -31.03 -7.70
CA GLY A 299 -7.10 -30.10 -8.78
C GLY A 299 -7.38 -30.66 -10.15
N LYS A 300 -7.03 -29.90 -11.17
CA LYS A 300 -7.19 -30.31 -12.59
C LYS A 300 -6.23 -29.51 -13.45
N GLY A 301 -6.01 -29.94 -14.68
CA GLY A 301 -5.04 -29.23 -15.52
C GLY A 301 -4.50 -30.15 -16.58
N ASP A 302 -3.18 -30.21 -16.68
CA ASP A 302 -2.50 -31.04 -17.70
C ASP A 302 -3.03 -32.47 -17.60
N PRO A 303 -3.45 -33.05 -18.73
CA PRO A 303 -4.04 -34.39 -18.79
C PRO A 303 -3.01 -35.45 -18.42
N GLU A 304 -1.75 -35.26 -18.82
CA GLU A 304 -0.80 -36.29 -18.43
C GLU A 304 -0.66 -36.36 -16.92
N LEU A 305 -0.68 -35.20 -16.25
CA LEU A 305 -0.62 -35.20 -14.78
C LEU A 305 -1.90 -35.75 -14.17
N GLU A 306 -3.05 -35.48 -14.81
CA GLU A 306 -4.30 -36.05 -14.31
C GLU A 306 -4.29 -37.57 -14.46
N GLY A 307 -3.75 -38.07 -15.56
CA GLY A 307 -3.66 -39.51 -15.74
C GLY A 307 -2.67 -40.15 -14.79
N TRP A 308 -1.56 -39.46 -14.51
CA TRP A 308 -0.60 -39.94 -13.53
C TRP A 308 -1.21 -39.99 -12.14
N ALA A 309 -2.02 -39.00 -11.79
CA ALA A 309 -2.67 -39.00 -10.49
C ALA A 309 -3.72 -40.10 -10.39
N ARG A 310 -4.49 -40.31 -11.45
CA ARG A 310 -5.45 -41.43 -11.45
C ARG A 310 -4.74 -42.78 -11.40
N SER A 311 -3.57 -42.88 -12.04
CA SER A 311 -2.81 -44.12 -12.00
C SER A 311 -2.29 -44.40 -10.59
N LEU A 312 -1.78 -43.38 -9.91
CA LEU A 312 -1.36 -43.56 -8.53
C LEU A 312 -2.56 -43.84 -7.62
N GLU A 313 -3.73 -43.29 -7.95
CA GLU A 313 -4.91 -43.51 -7.13
C GLU A 313 -5.40 -44.94 -7.24
N GLU A 314 -5.50 -45.47 -8.46
CA GLU A 314 -5.86 -46.88 -8.60
C GLU A 314 -4.78 -47.81 -8.08
N LYS A 315 -3.50 -47.41 -8.21
CA LYS A 315 -2.40 -48.28 -7.79
C LYS A 315 -2.31 -48.42 -6.28
N HIS A 316 -2.76 -47.42 -5.53
CA HIS A 316 -2.54 -47.36 -4.08
C HIS A 316 -3.84 -47.00 -3.38
N GLY A 317 -4.19 -47.77 -2.35
CA GLY A 317 -5.45 -47.54 -1.66
C GLY A 317 -5.44 -46.36 -0.71
N ASN A 318 -4.28 -45.80 -0.41
CA ASN A 318 -4.16 -44.65 0.47
C ASN A 318 -4.05 -43.33 -0.29
N VAL A 319 -4.24 -43.34 -1.61
CA VAL A 319 -4.22 -42.14 -2.43
C VAL A 319 -5.62 -41.89 -2.97
N LYS A 320 -6.06 -40.64 -2.92
CA LYS A 320 -7.36 -40.22 -3.43
C LYS A 320 -7.17 -38.95 -4.26
N VAL A 321 -7.88 -38.89 -5.39
CA VAL A 321 -7.78 -37.76 -6.31
C VAL A 321 -9.19 -37.20 -6.54
N ILE A 322 -9.28 -35.87 -6.62
CA ILE A 322 -10.54 -35.16 -6.78
C ILE A 322 -10.33 -34.10 -7.86
N THR A 323 -10.81 -34.37 -9.08
CA THR A 323 -10.72 -33.39 -10.16
C THR A 323 -11.95 -32.49 -10.25
N GLU A 324 -13.04 -32.82 -9.58
CA GLU A 324 -14.22 -31.97 -9.62
C GLU A 324 -14.01 -30.72 -8.76
N MET A 325 -14.68 -29.64 -9.15
CA MET A 325 -14.62 -28.41 -8.36
C MET A 325 -15.29 -28.61 -7.02
N LEU A 326 -14.72 -28.00 -5.98
CA LEU A 326 -15.23 -28.11 -4.63
C LEU A 326 -15.66 -26.74 -4.11
N SER A 327 -16.63 -26.75 -3.21
CA SER A 327 -16.99 -25.54 -2.50
C SER A 327 -15.90 -25.15 -1.51
N ARG A 328 -15.84 -23.85 -1.21
CA ARG A 328 -14.88 -23.39 -0.20
C ARG A 328 -15.23 -23.91 1.19
N GLU A 329 -16.50 -24.23 1.45
CA GLU A 329 -16.86 -24.82 2.73
C GLU A 329 -16.27 -26.21 2.86
N PHE A 330 -16.33 -27.01 1.80
CA PHE A 330 -15.72 -28.34 1.86
C PHE A 330 -14.21 -28.24 2.00
N VAL A 331 -13.58 -27.26 1.34
CA VAL A 331 -12.15 -27.10 1.48
C VAL A 331 -11.79 -26.66 2.90
N ARG A 332 -12.63 -25.81 3.51
CA ARG A 332 -12.38 -25.45 4.89
C ARG A 332 -12.51 -26.66 5.80
N GLU A 333 -13.44 -27.56 5.48
CA GLU A 333 -13.57 -28.78 6.27
C GLU A 333 -12.34 -29.66 6.11
N LEU A 334 -11.77 -29.70 4.90
CA LEU A 334 -10.56 -30.49 4.69
C LEU A 334 -9.38 -29.90 5.43
N TYR A 335 -9.24 -28.57 5.39
CA TYR A 335 -8.14 -27.90 6.09
C TYR A 335 -8.19 -28.15 7.58
N GLY A 336 -9.39 -28.28 8.14
CA GLY A 336 -9.58 -28.54 9.55
C GLY A 336 -9.52 -29.99 9.95
N SER A 337 -9.32 -30.89 9.00
CA SER A 337 -9.32 -32.32 9.28
C SER A 337 -8.00 -32.99 8.96
N VAL A 338 -7.33 -32.60 7.87
CA VAL A 338 -6.06 -33.24 7.51
C VAL A 338 -4.98 -32.88 8.51
N ASP A 339 -3.92 -33.69 8.52
CA ASP A 339 -2.78 -33.39 9.36
C ASP A 339 -1.86 -32.35 8.71
N PHE A 340 -1.61 -32.46 7.41
CA PHE A 340 -0.66 -31.60 6.73
C PHE A 340 -1.20 -31.20 5.37
N VAL A 341 -0.80 -30.01 4.92
CA VAL A 341 -1.09 -29.50 3.59
C VAL A 341 0.22 -29.30 2.86
N ILE A 342 0.35 -29.92 1.69
CA ILE A 342 1.57 -29.85 0.88
C ILE A 342 1.39 -28.78 -0.18
N ILE A 343 2.33 -27.84 -0.24
CA ILE A 343 2.28 -26.72 -1.19
C ILE A 343 3.62 -26.67 -1.91
N PRO A 344 3.84 -27.53 -2.91
CA PRO A 344 5.17 -27.63 -3.53
C PRO A 344 5.38 -26.65 -4.68
N SER A 345 4.97 -25.40 -4.50
CA SER A 345 4.98 -24.44 -5.59
C SER A 345 6.39 -24.14 -6.07
N TYR A 346 6.57 -24.12 -7.39
CA TYR A 346 7.76 -23.49 -7.97
C TYR A 346 7.75 -21.98 -7.79
N PHE A 347 6.55 -21.39 -7.74
CA PHE A 347 6.40 -19.94 -7.77
C PHE A 347 5.15 -19.61 -6.96
N GLU A 348 5.35 -18.98 -5.80
CA GLU A 348 4.25 -18.60 -4.91
C GLU A 348 4.49 -17.19 -4.39
N PRO A 349 4.15 -16.16 -5.17
CA PRO A 349 4.45 -14.78 -4.73
C PRO A 349 3.79 -14.39 -3.41
N PHE A 350 2.60 -14.91 -3.09
CA PHE A 350 1.88 -14.37 -1.94
C PHE A 350 1.47 -15.41 -0.89
N GLY A 351 1.18 -16.65 -1.26
CA GLY A 351 0.98 -17.66 -0.22
C GLY A 351 -0.28 -17.56 0.62
N LEU A 352 -1.40 -17.16 0.01
CA LEU A 352 -2.68 -17.15 0.72
C LEU A 352 -3.12 -18.57 1.10
N VAL A 353 -2.77 -19.57 0.30
CA VAL A 353 -3.17 -20.94 0.61
C VAL A 353 -2.52 -21.41 1.91
N ALA A 354 -1.29 -20.98 2.18
CA ALA A 354 -0.66 -21.33 3.44
C ALA A 354 -1.40 -20.72 4.63
N LEU A 355 -1.87 -19.48 4.49
CA LEU A 355 -2.64 -18.88 5.57
C LEU A 355 -3.97 -19.58 5.75
N GLU A 356 -4.61 -20.00 4.65
CA GLU A 356 -5.86 -20.72 4.77
C GLU A 356 -5.68 -22.03 5.51
N ALA A 357 -4.61 -22.75 5.21
CA ALA A 357 -4.37 -24.02 5.89
C ALA A 357 -3.99 -23.81 7.35
N MET A 358 -3.10 -22.85 7.62
CA MET A 358 -2.64 -22.63 8.99
C MET A 358 -3.74 -22.11 9.90
N CYS A 359 -4.67 -21.31 9.37
CA CYS A 359 -5.77 -20.84 10.19
C CYS A 359 -6.67 -21.98 10.64
N LEU A 360 -6.77 -23.03 9.84
CA LEU A 360 -7.58 -24.20 10.14
C LEU A 360 -6.80 -25.30 10.85
N GLY A 361 -5.56 -25.02 11.26
CA GLY A 361 -4.78 -25.95 12.04
C GLY A 361 -4.01 -26.98 11.25
N ALA A 362 -4.12 -26.98 9.93
CA ALA A 362 -3.25 -27.82 9.12
C ALA A 362 -1.82 -27.28 9.15
N ILE A 363 -0.85 -28.19 9.19
CA ILE A 363 0.56 -27.82 9.24
C ILE A 363 1.10 -27.78 7.82
N PRO A 364 1.56 -26.63 7.34
CA PRO A 364 2.08 -26.55 5.96
C PRO A 364 3.38 -27.33 5.77
N ILE A 365 3.50 -27.91 4.57
CA ILE A 365 4.76 -28.46 4.05
C ILE A 365 4.93 -27.83 2.68
N ALA A 366 5.86 -26.89 2.55
CA ALA A 366 5.86 -26.01 1.39
C ALA A 366 7.27 -25.76 0.89
N SER A 367 7.35 -25.43 -0.40
CA SER A 367 8.59 -24.93 -0.97
C SER A 367 8.91 -23.57 -0.33
N ALA A 368 10.20 -23.33 -0.10
CA ALA A 368 10.63 -22.06 0.48
C ALA A 368 10.83 -21.05 -0.65
N VAL A 369 9.70 -20.54 -1.15
CA VAL A 369 9.69 -19.50 -2.17
C VAL A 369 8.67 -18.43 -1.78
N GLY A 370 9.01 -17.18 -2.03
CA GLY A 370 8.04 -16.09 -1.99
C GLY A 370 7.32 -15.96 -0.66
N GLY A 371 6.00 -15.81 -0.77
CA GLY A 371 5.19 -15.61 0.43
C GLY A 371 5.18 -16.81 1.35
N LEU A 372 5.37 -18.01 0.79
CA LEU A 372 5.48 -19.20 1.62
C LEU A 372 6.67 -19.11 2.55
N ARG A 373 7.84 -18.72 2.00
CA ARG A 373 9.02 -18.53 2.82
C ARG A 373 8.84 -17.39 3.81
N ASP A 374 8.10 -16.35 3.42
CA ASP A 374 7.88 -15.23 4.34
C ASP A 374 6.96 -15.61 5.50
N ILE A 375 5.98 -16.47 5.28
CA ILE A 375 4.97 -16.76 6.29
C ILE A 375 5.40 -17.91 7.19
N ILE A 376 5.71 -19.05 6.58
CA ILE A 376 6.09 -20.24 7.35
C ILE A 376 7.44 -19.99 8.02
N THR A 377 7.55 -20.45 9.27
CA THR A 377 8.80 -20.42 10.02
C THR A 377 9.15 -21.85 10.44
N ASN A 378 10.31 -22.00 11.08
CA ASN A 378 10.73 -23.32 11.52
C ASN A 378 9.75 -23.90 12.54
N GLU A 379 9.08 -23.04 13.30
CA GLU A 379 8.13 -23.46 14.32
C GLU A 379 6.70 -23.56 13.83
N THR A 380 6.43 -23.17 12.57
CA THR A 380 5.05 -23.13 12.07
C THR A 380 4.88 -23.91 10.76
N GLY A 381 5.80 -24.80 10.44
CA GLY A 381 5.67 -25.61 9.25
C GLY A 381 6.99 -26.26 8.89
N ILE A 382 6.96 -26.99 7.77
CA ILE A 382 8.15 -27.62 7.21
C ILE A 382 8.40 -27.06 5.83
N LEU A 383 9.62 -26.59 5.59
CA LEU A 383 10.00 -25.93 4.34
C LEU A 383 11.06 -26.75 3.62
N VAL A 384 10.95 -26.82 2.30
CA VAL A 384 11.90 -27.56 1.47
C VAL A 384 12.26 -26.74 0.23
N LYS A 385 13.33 -27.16 -0.42
CA LYS A 385 13.71 -26.59 -1.71
C LYS A 385 12.68 -26.94 -2.76
N ALA A 386 12.31 -25.96 -3.58
CA ALA A 386 11.34 -26.20 -4.64
C ALA A 386 11.94 -27.10 -5.73
N GLY A 387 11.09 -27.95 -6.30
CA GLY A 387 11.51 -28.77 -7.43
C GLY A 387 12.34 -29.97 -7.11
N ASP A 388 12.40 -30.40 -5.85
CA ASP A 388 13.23 -31.53 -5.42
C ASP A 388 12.32 -32.59 -4.80
N PRO A 389 11.89 -33.57 -5.58
CA PRO A 389 10.99 -34.59 -5.02
C PRO A 389 11.58 -35.36 -3.85
N GLY A 390 12.89 -35.58 -3.83
CA GLY A 390 13.48 -36.33 -2.74
C GLY A 390 13.44 -35.58 -1.42
N GLU A 391 13.70 -34.27 -1.46
CA GLU A 391 13.58 -33.48 -0.24
C GLU A 391 12.14 -33.40 0.22
N LEU A 392 11.18 -33.38 -0.71
CA LEU A 392 9.77 -33.37 -0.31
C LEU A 392 9.37 -34.70 0.32
N ALA A 393 9.87 -35.81 -0.21
CA ALA A 393 9.60 -37.10 0.41
C ALA A 393 10.22 -37.18 1.80
N ASN A 394 11.42 -36.60 1.96
CA ASN A 394 12.04 -36.58 3.28
C ASN A 394 11.23 -35.72 4.25
N ALA A 395 10.68 -34.61 3.77
CA ALA A 395 9.84 -33.78 4.63
C ALA A 395 8.55 -34.50 5.01
N ILE A 396 8.00 -35.29 4.09
CA ILE A 396 6.79 -36.06 4.42
C ILE A 396 7.11 -37.12 5.45
N LEU A 397 8.28 -37.76 5.34
CA LEU A 397 8.69 -38.72 6.36
C LEU A 397 8.93 -38.04 7.71
N LYS A 398 9.48 -36.82 7.70
CA LYS A 398 9.64 -36.07 8.93
C LYS A 398 8.29 -35.74 9.56
N ALA A 399 7.31 -35.41 8.72
CA ALA A 399 5.97 -35.14 9.24
C ALA A 399 5.35 -36.40 9.84
N LEU A 400 5.61 -37.55 9.21
CA LEU A 400 5.11 -38.80 9.78
C LEU A 400 5.77 -39.09 11.13
N GLU A 401 7.06 -38.79 11.25
CA GLU A 401 7.72 -38.98 12.54
C GLU A 401 7.18 -38.04 13.59
N LEU A 402 6.88 -36.79 13.20
CA LEU A 402 6.31 -35.83 14.14
C LEU A 402 4.91 -36.25 14.59
N SER A 403 4.19 -36.96 13.72
CA SER A 403 2.82 -37.35 14.05
C SER A 403 2.73 -38.41 15.14
N ARG A 404 3.83 -39.09 15.47
CA ARG A 404 3.80 -40.04 16.58
C ARG A 404 3.50 -39.35 17.89
N SER A 405 3.96 -38.11 18.06
CA SER A 405 3.70 -37.30 19.25
C SER A 405 2.51 -36.39 19.02
N ASP A 406 2.08 -35.74 20.11
CA ASP A 406 1.02 -34.75 20.00
C ASP A 406 1.47 -33.59 19.13
N LEU A 407 0.58 -33.14 18.24
CA LEU A 407 0.86 -32.03 17.34
C LEU A 407 0.12 -30.75 17.72
N SER A 408 -0.55 -30.73 18.87
CA SER A 408 -1.44 -29.61 19.20
C SER A 408 -0.67 -28.30 19.32
N LYS A 409 0.53 -28.32 19.92
CA LYS A 409 1.30 -27.10 20.02
C LYS A 409 1.76 -26.60 18.65
N PHE A 410 2.04 -27.53 17.73
CA PHE A 410 2.45 -27.15 16.39
C PHE A 410 1.30 -26.45 15.65
N ARG A 411 0.10 -27.05 15.71
CA ARG A 411 -1.06 -26.42 15.09
C ARG A 411 -1.37 -25.09 15.76
N GLU A 412 -1.16 -24.99 17.08
CA GLU A 412 -1.40 -23.73 17.76
C GLU A 412 -0.44 -22.65 17.28
N ASN A 413 0.83 -23.02 17.05
CA ASN A 413 1.78 -22.06 16.51
C ASN A 413 1.41 -21.63 15.11
N CYS A 414 0.94 -22.58 14.29
CA CYS A 414 0.51 -22.24 12.93
C CYS A 414 -0.65 -21.26 12.96
N LYS A 415 -1.63 -21.52 13.84
CA LYS A 415 -2.80 -20.65 13.93
C LYS A 415 -2.42 -19.26 14.42
N LYS A 416 -1.55 -19.19 15.45
CA LYS A 416 -1.14 -17.90 15.98
C LYS A 416 -0.34 -17.12 14.95
N ARG A 417 0.52 -17.80 14.18
CA ARG A 417 1.31 -17.11 13.17
C ARG A 417 0.42 -16.57 12.06
N ALA A 418 -0.56 -17.38 11.62
CA ALA A 418 -1.46 -16.91 10.58
C ALA A 418 -2.32 -15.75 11.05
N MET A 419 -2.74 -15.78 12.33
CA MET A 419 -3.55 -14.69 12.85
C MET A 419 -2.73 -13.40 12.96
N SER A 420 -1.54 -13.48 13.55
CA SER A 420 -0.74 -12.29 13.73
C SER A 420 -0.28 -11.71 12.39
N PHE A 421 -0.01 -12.57 11.40
CA PHE A 421 0.37 -12.07 10.09
C PHE A 421 -0.77 -11.31 9.42
N SER A 422 -2.00 -11.76 9.64
CA SER A 422 -3.17 -11.23 8.93
C SER A 422 -3.52 -9.81 9.35
N GLU A 423 -3.10 -9.86 10.57
CA GLU A 423 -3.31 -8.73 11.47
C GLU A 423 -2.43 -7.54 11.08
N GLN A 424 -1.14 -7.80 10.92
CA GLN A 424 -0.23 -6.75 10.44
C GLN A 424 -0.61 -6.29 9.04
N VAL A 425 -1.05 -7.24 8.21
CA VAL A 425 -1.45 -6.91 6.84
C VAL A 425 -2.64 -5.97 6.84
N SER A 426 -3.59 -6.18 7.76
CA SER A 426 -4.80 -5.36 7.81
C SER A 426 -4.48 -3.92 8.24
N ALA A 427 -3.65 -3.77 9.27
CA ALA A 427 -3.28 -2.43 9.72
C ALA A 427 -2.47 -1.69 8.65
N ALA A 428 -1.57 -2.41 7.98
CA ALA A 428 -0.80 -1.78 6.92
C ALA A 428 -1.71 -1.38 5.76
N ARG A 429 -2.74 -2.19 5.48
CA ARG A 429 -3.68 -1.82 4.42
C ARG A 429 -4.45 -0.57 4.78
N LYS A 430 -4.79 -0.39 6.06
CA LYS A 430 -5.47 0.84 6.46
C LYS A 430 -4.57 2.06 6.26
N VAL A 431 -3.32 1.98 6.69
CA VAL A 431 -2.43 3.13 6.55
C VAL A 431 -2.21 3.45 5.07
N VAL A 432 -2.03 2.42 4.25
CA VAL A 432 -1.78 2.62 2.83
C VAL A 432 -3.01 3.19 2.13
N LYS A 433 -4.20 2.77 2.56
CA LYS A 433 -5.41 3.35 1.98
C LYS A 433 -5.53 4.83 2.29
N MET A 434 -5.16 5.22 3.53
CA MET A 434 -5.20 6.64 3.87
C MET A 434 -4.25 7.44 3.00
N MET A 435 -3.01 6.95 2.85
CA MET A 435 -2.05 7.69 2.04
C MET A 435 -2.45 7.74 0.56
N ILE A 436 -3.12 6.70 0.06
CA ILE A 436 -3.59 6.74 -1.32
C ILE A 436 -4.68 7.80 -1.47
N VAL A 437 -5.56 7.93 -0.48
CA VAL A 437 -6.58 8.97 -0.55
C VAL A 437 -5.92 10.35 -0.57
N VAL A 438 -4.83 10.50 0.20
CA VAL A 438 -4.12 11.78 0.22
C VAL A 438 -3.54 12.09 -1.16
N VAL A 439 -2.85 11.12 -1.76
CA VAL A 439 -2.20 11.38 -3.04
C VAL A 439 -3.22 11.64 -4.14
N CYS A 440 -4.35 10.92 -4.12
CA CYS A 440 -5.38 11.15 -5.12
C CYS A 440 -6.01 12.51 -4.96
N THR A 441 -6.21 12.96 -3.71
CA THR A 441 -6.75 14.29 -3.51
C THR A 441 -5.81 15.36 -4.03
N PHE A 442 -4.49 15.15 -3.84
CA PHE A 442 -3.51 16.09 -4.38
C PHE A 442 -3.56 16.13 -5.91
N ALA A 443 -3.61 14.95 -6.53
CA ALA A 443 -3.61 14.89 -7.99
C ALA A 443 -4.85 15.58 -8.56
N ILE A 444 -6.00 15.33 -7.96
CA ILE A 444 -7.23 15.96 -8.44
C ILE A 444 -7.18 17.47 -8.24
N CYS A 445 -6.73 17.92 -7.06
CA CYS A 445 -6.74 19.35 -6.79
C CYS A 445 -5.77 20.11 -7.68
N TRP A 446 -4.66 19.50 -8.09
CA TRP A 446 -3.69 20.26 -8.85
C TRP A 446 -3.76 20.06 -10.36
N LEU A 447 -4.46 19.04 -10.86
CA LEU A 447 -4.51 18.85 -12.31
C LEU A 447 -5.07 20.06 -13.06
N PRO A 448 -6.24 20.62 -12.72
CA PRO A 448 -6.73 21.78 -13.50
C PRO A 448 -5.79 22.97 -13.49
N PHE A 449 -5.05 23.17 -12.40
CA PHE A 449 -4.14 24.32 -12.30
C PHE A 449 -2.99 24.20 -13.31
N HIS A 450 -2.33 23.05 -13.32
CA HIS A 450 -1.26 22.83 -14.27
C HIS A 450 -1.77 22.77 -15.70
N ILE A 451 -2.98 22.27 -15.92
CA ILE A 451 -3.55 22.31 -17.27
C ILE A 451 -3.78 23.76 -17.68
N PHE A 452 -4.25 24.58 -16.75
CA PHE A 452 -4.52 25.98 -17.07
C PHE A 452 -3.25 26.72 -17.43
N PHE A 453 -2.13 26.37 -16.80
CA PHE A 453 -0.89 27.07 -17.14
C PHE A 453 -0.12 26.42 -18.27
N LEU A 454 -0.43 25.18 -18.65
CA LEU A 454 0.22 24.54 -19.80
C LEU A 454 -0.56 24.70 -21.09
N LEU A 455 -1.85 25.06 -21.03
CA LEU A 455 -2.65 25.23 -22.23
C LEU A 455 -2.06 26.20 -23.25
N PRO A 456 -1.52 27.36 -22.88
CA PRO A 456 -0.98 28.27 -23.92
C PRO A 456 0.09 27.64 -24.79
N TYR A 457 0.88 26.71 -24.27
CA TYR A 457 1.94 26.10 -25.07
C TYR A 457 1.39 25.28 -26.23
N ILE A 458 0.17 24.74 -26.11
CA ILE A 458 -0.41 23.95 -27.18
C ILE A 458 -1.63 24.62 -27.83
N ASN A 459 -2.22 25.63 -27.19
CA ASN A 459 -3.35 26.37 -27.75
C ASN A 459 -3.54 27.65 -26.96
N PRO A 460 -3.19 28.82 -27.54
CA PRO A 460 -3.22 30.07 -26.77
C PRO A 460 -4.55 30.35 -26.09
N ASP A 461 -5.58 30.65 -26.86
CA ASP A 461 -6.95 30.83 -26.35
C ASP A 461 -6.92 31.89 -25.25
N LEU A 462 -7.43 31.61 -24.05
CA LEU A 462 -7.43 32.55 -22.92
C LEU A 462 -8.08 33.88 -23.30
N TYR A 463 -9.30 33.79 -23.84
CA TYR A 463 -10.08 34.97 -24.18
C TYR A 463 -11.57 34.73 -23.94
N PHE A 467 -14.26 35.18 -20.08
CA PHE A 467 -14.73 34.48 -18.89
C PHE A 467 -13.59 33.78 -18.16
N ILE A 468 -12.36 34.12 -18.53
CA ILE A 468 -11.20 33.48 -17.94
C ILE A 468 -11.09 33.79 -16.44
N GLN A 469 -11.51 34.99 -16.03
CA GLN A 469 -11.35 35.36 -14.62
C GLN A 469 -12.19 34.48 -13.70
N GLN A 470 -13.41 34.13 -14.15
CA GLN A 470 -14.25 33.26 -13.33
C GLN A 470 -13.70 31.83 -13.29
N VAL A 471 -13.17 31.35 -14.42
CA VAL A 471 -12.56 30.03 -14.44
C VAL A 471 -11.29 30.01 -13.60
N TYR A 472 -10.53 31.09 -13.62
CA TYR A 472 -9.29 31.12 -12.85
C TYR A 472 -9.56 31.11 -11.36
N LEU A 473 -10.61 31.80 -10.91
CA LEU A 473 -10.94 31.79 -9.49
C LEU A 473 -11.34 30.40 -9.03
N ALA A 474 -12.01 29.64 -9.91
CA ALA A 474 -12.39 28.28 -9.55
C ALA A 474 -11.19 27.36 -9.52
N ILE A 475 -10.33 27.45 -10.55
CA ILE A 475 -9.16 26.58 -10.62
C ILE A 475 -8.19 26.90 -9.50
N MET A 476 -8.02 28.20 -9.19
CA MET A 476 -7.13 28.56 -8.09
C MET A 476 -7.70 28.13 -6.75
N TRP A 477 -9.03 28.24 -6.58
CA TRP A 477 -9.62 27.80 -5.32
C TRP A 477 -9.42 26.31 -5.11
N LEU A 478 -9.59 25.52 -6.18
CA LEU A 478 -9.43 24.07 -6.04
C LEU A 478 -8.01 23.71 -5.68
N ALA A 479 -7.04 24.35 -6.33
CA ALA A 479 -5.63 24.03 -6.08
C ALA A 479 -5.24 24.36 -4.65
N MET A 480 -5.60 25.56 -4.19
CA MET A 480 -5.26 25.95 -2.83
C MET A 480 -6.10 25.23 -1.78
N SER A 481 -7.27 24.71 -2.17
CA SER A 481 -8.06 23.93 -1.22
C SER A 481 -7.34 22.66 -0.79
N SER A 482 -6.35 22.22 -1.57
CA SER A 482 -5.59 21.03 -1.23
C SER A 482 -4.86 21.17 0.10
N THR A 483 -4.61 22.39 0.55
CA THR A 483 -3.91 22.59 1.82
C THR A 483 -4.78 22.27 3.04
N MET A 484 -6.09 22.11 2.87
CA MET A 484 -6.98 21.85 4.01
C MET A 484 -7.48 20.41 4.11
N TYR A 485 -7.22 19.54 3.13
CA TYR A 485 -7.88 18.24 3.13
C TYR A 485 -7.18 17.20 4.00
N ASN A 486 -5.85 17.22 4.03
CA ASN A 486 -5.11 16.16 4.73
C ASN A 486 -5.50 16.03 6.19
N PRO A 487 -5.56 17.10 7.01
CA PRO A 487 -6.02 16.90 8.40
C PRO A 487 -7.41 16.32 8.49
N ILE A 488 -8.29 16.68 7.55
CA ILE A 488 -9.61 16.05 7.51
C ILE A 488 -9.48 14.58 7.14
N ILE A 489 -8.54 14.26 6.25
CA ILE A 489 -8.35 12.87 5.84
C ILE A 489 -7.81 12.03 6.99
N TYR A 490 -6.85 12.58 7.74
CA TYR A 490 -6.28 11.85 8.87
C TYR A 490 -7.33 11.59 9.94
N CYS A 491 -8.23 12.56 10.16
CA CYS A 491 -9.23 12.43 11.21
C CYS A 491 -10.27 11.34 10.87
N CYS A 492 -10.49 11.07 9.58
CA CYS A 492 -11.47 10.08 9.18
C CYS A 492 -10.90 8.68 9.06
N LEU A 493 -9.61 8.54 8.73
CA LEU A 493 -9.05 7.24 8.39
C LEU A 493 -7.97 6.76 9.36
N ASN A 494 -7.75 7.46 10.47
CA ASN A 494 -6.72 7.06 11.42
C ASN A 494 -7.23 7.27 12.84
N ASP A 495 -7.30 6.19 13.62
CA ASP A 495 -7.85 6.28 14.97
C ASP A 495 -7.01 7.19 15.86
N ARG A 496 -5.69 7.20 15.67
CA ARG A 496 -4.85 8.02 16.54
C ARG A 496 -5.05 9.51 16.26
N PHE A 497 -5.09 9.88 14.98
CA PHE A 497 -5.35 11.28 14.64
C PHE A 497 -6.78 11.68 15.04
N ARG A 498 -7.72 10.75 14.95
CA ARG A 498 -9.08 11.06 15.38
C ARG A 498 -9.13 11.32 16.89
N LEU A 499 -8.42 10.51 17.67
CA LEU A 499 -8.33 10.75 19.10
C LEU A 499 -7.62 12.06 19.41
N GLY A 500 -6.61 12.42 18.59
CA GLY A 500 -5.92 13.67 18.82
C GLY A 500 -6.79 14.87 18.52
N PHE A 501 -7.62 14.77 17.48
CA PHE A 501 -8.56 15.85 17.18
C PHE A 501 -9.64 15.96 18.24
N LYS A 502 -10.08 14.83 18.79
CA LYS A 502 -11.03 14.90 19.91
C LYS A 502 -10.43 15.57 21.14
N HIS A 503 -9.16 15.32 21.41
CA HIS A 503 -8.49 15.94 22.56
C HIS A 503 -8.26 17.43 22.33
N ALA A 504 -7.95 17.82 21.09
CA ALA A 504 -7.69 19.22 20.78
C ALA A 504 -8.97 20.04 20.91
N PHE A 505 -10.13 19.42 20.66
CA PHE A 505 -11.42 20.10 20.67
C PHE A 505 -12.30 19.60 21.80
N ARG A 506 -11.71 19.32 22.96
CA ARG A 506 -12.45 18.81 24.11
C ARG A 506 -13.48 19.81 24.63
N YCM A 507 -13.22 21.10 24.41
CA YCM A 507 -14.15 22.18 24.86
CB YCM A 507 -13.54 23.55 24.58
SG YCM A 507 -13.20 23.68 22.85
CD YCM A 507 -11.76 24.66 22.98
CE YCM A 507 -10.56 23.76 22.92
OZ1 YCM A 507 -10.68 22.57 23.20
NZ2 YCM A 507 -9.40 24.30 22.56
C YCM A 507 -15.51 22.11 24.23
O YCM A 507 -16.53 22.35 24.88
N CYS A 508 -15.53 21.78 22.94
CA CYS A 508 -16.77 21.65 22.18
C CYS A 508 -17.51 20.39 22.62
N PRO A 509 -18.82 20.31 22.35
CA PRO A 509 -19.55 19.05 22.57
C PRO A 509 -19.00 17.82 21.85
C13 GBQ B . 2.63 25.89 -7.89
C21 GBQ B . 3.74 31.95 -13.48
C22 GBQ B . 3.16 32.62 -12.26
C24 GBQ B . 4.55 30.01 -14.49
C01 GBQ B . 3.70 31.50 -8.30
C02 GBQ B . 2.53 30.89 -9.11
C03 GBQ B . 1.93 29.67 -8.32
C04 GBQ B . 2.49 28.38 -8.43
C05 GBQ B . 1.96 27.29 -7.72
C06 GBQ B . 0.86 27.45 -6.87
C07 GBQ B . 0.29 28.73 -6.75
C08 GBQ B . 0.82 29.83 -7.47
C09 GBQ B . -0.93 28.94 -5.82
C18 GBQ B . 2.18 30.54 -11.52
C19 GBQ B . 2.83 29.74 -12.75
C25 GBQ B . 5.79 30.78 -14.95
C27 GBQ B . 7.91 31.63 -14.93
C31 GBQ B . 3.31 28.28 -12.44
C32 GBQ B . 2.54 27.15 -12.76
C33 GBQ B . 2.96 25.82 -12.48
C34 GBQ B . 4.19 25.63 -11.86
C35 GBQ B . 5.02 26.72 -11.51
C36 GBQ B . 4.56 28.04 -11.80
F10 GBQ B . -0.73 29.68 -4.70
F11 GBQ B . -1.47 27.80 -5.30
F12 GBQ B . -2.02 29.53 -6.36
F14 GBQ B . 1.97 25.00 -8.67
F15 GBQ B . 3.87 25.88 -8.44
F16 GBQ B . 2.85 25.18 -6.75
F37 GBQ B . 4.61 24.37 -11.57
N20 GBQ B . 4.05 30.51 -13.21
N26 GBQ B . 6.98 30.81 -14.23
N29 GBQ B . 7.24 32.12 -16.11
N30 GBQ B . 5.93 31.58 -16.10
O17 GBQ B . 3.04 30.50 -10.39
O23 GBQ B . 2.00 31.91 -11.85
O28 GBQ B . 9.06 31.92 -14.64
C1 CIT C . 8.66 49.44 -3.09
O1 CIT C . 9.05 50.17 -4.03
O2 CIT C . 7.85 48.51 -3.25
C2 CIT C . 9.20 49.71 -1.70
C3 CIT C . 8.94 48.50 -0.82
O7 CIT C . 7.81 47.77 -1.31
C4 CIT C . 10.16 47.59 -0.82
C5 CIT C . 9.76 46.17 -0.51
O3 CIT C . 8.55 45.89 -0.40
O4 CIT C . 10.67 45.31 -0.38
C6 CIT C . 8.63 48.95 0.58
O5 CIT C . 9.56 49.42 1.27
O6 CIT C . 7.46 48.82 1.01
C1 OLA D . 17.98 41.15 -6.84
O1 OLA D . 17.44 40.83 -7.92
O2 OLA D . 18.72 42.16 -6.72
C2 OLA D . 17.73 40.30 -5.62
C3 OLA D . 16.67 39.24 -5.93
C4 OLA D . 16.48 38.29 -4.75
C5 OLA D . 15.39 37.26 -5.03
C6 OLA D . 15.12 36.44 -3.77
C7 OLA D . 13.85 35.59 -3.91
C8 OLA D . 13.37 35.12 -2.54
C9 OLA D . 12.07 35.83 -2.19
C10 OLA D . 11.33 35.41 -1.17
C11 OLA D . 11.77 34.24 -0.31
C12 OLA D . 11.54 34.58 1.17
C13 OLA D . 12.15 33.52 2.08
C14 OLA D . 11.25 32.31 2.28
C15 OLA D . 11.87 31.33 3.27
C16 OLA D . 10.92 30.21 3.66
C17 OLA D . 11.60 29.20 4.58
C18 OLA D . 10.65 28.10 5.00
C1 OLA E . -3.98 -0.59 -5.48
O1 OLA E . -4.31 -1.57 -6.17
O2 OLA E . -4.43 -0.38 -4.33
C2 OLA E . -3.00 0.40 -6.06
C3 OLA E . -3.71 1.68 -6.49
C4 OLA E . -3.04 2.89 -5.84
C5 OLA E . -2.80 4.02 -6.85
C6 OLA E . -2.10 5.18 -6.13
C7 OLA E . -1.56 6.20 -7.10
C8 OLA E . -2.65 7.07 -7.69
C9 OLA E . -2.30 8.52 -7.47
C10 OLA E . -1.92 9.30 -8.47
C11 OLA E . -1.83 8.74 -9.88
C12 OLA E . -2.62 9.64 -10.82
C1 OLA F . -5.06 -1.87 -9.66
O1 OLA F . -5.41 -2.40 -8.58
O2 OLA F . -5.39 -0.71 -9.97
C2 OLA F . -4.23 -2.67 -10.62
C3 OLA F . -3.36 -1.71 -11.45
C4 OLA F . -2.59 -2.48 -12.52
C5 OLA F . -1.37 -3.19 -11.95
C6 OLA F . -0.92 -4.35 -12.83
C7 OLA F . 0.38 -4.94 -12.31
C8 OLA F . 0.51 -6.43 -12.61
C9 OLA F . 1.87 -6.90 -12.19
C10 OLA F . 2.06 -8.02 -11.49
C11 OLA F . 0.91 -8.91 -11.08
C12 OLA F . 1.28 -10.38 -11.32
C13 OLA F . 2.05 -10.99 -10.16
C14 OLA F . 3.56 -10.89 -10.35
C15 OLA F . 4.31 -11.45 -9.14
C16 OLA F . 5.82 -11.20 -9.25
C17 OLA F . 6.55 -11.78 -8.05
C18 OLA F . 8.05 -11.56 -8.15
C1 OLA G . -9.35 -0.68 -6.09
O1 OLA G . -9.86 -0.25 -5.02
O2 OLA G . -9.81 -1.68 -6.71
C2 OLA G . -8.16 0.04 -6.65
C3 OLA G . -8.04 1.41 -5.99
C4 OLA G . -7.24 2.38 -6.86
C5 OLA G . -7.04 3.70 -6.15
C6 OLA G . -7.15 4.88 -7.13
C7 OLA G . -6.20 4.72 -8.31
C8 OLA G . -6.41 5.83 -9.32
C11 OLA H . 6.91 -4.09 -11.21
C12 OLA H . 6.81 -4.83 -9.87
C13 OLA H . 8.19 -5.08 -9.29
C14 OLA H . 8.11 -5.72 -7.91
C15 OLA H . 9.51 -5.85 -7.31
C16 OLA H . 9.48 -6.69 -6.04
C17 OLA H . 10.86 -7.24 -5.71
C18 OLA H . 10.82 -8.21 -4.55
C10 OLA I . 7.23 -9.40 -0.88
C11 OLA I . 7.63 -9.08 -2.30
C12 OLA I . 6.43 -9.28 -3.23
C13 OLA I . 6.75 -8.81 -4.63
C14 OLA I . 5.51 -8.83 -5.52
C15 OLA I . 5.36 -7.53 -6.29
C16 OLA I . 4.03 -7.45 -7.02
C17 OLA I . 3.94 -6.15 -7.82
C18 OLA I . 2.64 -6.09 -8.61
C1 OLA J . 7.30 18.67 22.32
O1 OLA J . 8.13 18.33 21.44
O2 OLA J . 7.06 17.98 23.33
C2 OLA J . 6.59 19.99 22.16
C3 OLA J . 6.22 20.22 20.70
C4 OLA J . 5.17 21.32 20.60
C5 OLA J . 4.76 21.61 19.17
C6 OLA J . 3.61 22.61 19.16
C7 OLA J . 3.74 23.61 18.02
C8 OLA J . 3.07 23.11 16.75
C9 OLA J . 3.02 24.24 15.75
C1 OLA K . -8.97 24.66 -18.00
O1 OLA K . -9.40 25.68 -18.59
O2 OLA K . -7.76 24.34 -17.99
C2 OLA K . -9.96 23.77 -17.29
C3 OLA K . -9.20 22.62 -16.62
C4 OLA K . -10.17 21.67 -15.90
C5 OLA K . -10.52 20.48 -16.78
C6 OLA K . -9.54 19.34 -16.56
C7 OLA K . -9.77 18.21 -17.55
C8 OLA K . -8.76 17.07 -17.34
C9 OLA K . -8.79 16.15 -18.53
C1 OLA L . -19.98 31.53 -9.50
O1 OLA L . -20.28 32.30 -10.43
O2 OLA L . -19.73 30.32 -9.68
C2 OLA L . -19.90 32.08 -8.10
C3 OLA L . -19.00 31.20 -7.25
C4 OLA L . -19.15 31.54 -5.77
C5 OLA L . -18.60 30.44 -4.87
C6 OLA L . -19.45 30.33 -3.60
C7 OLA L . -18.89 29.34 -2.60
C8 OLA L . -19.79 29.28 -1.37
C9 OLA L . -19.03 28.67 -0.21
C10 OLA L . -18.94 29.30 0.95
C11 OLA L . -19.60 30.65 1.14
C6 OLA M . 14.99 8.25 1.40
C7 OLA M . 13.65 8.60 0.74
C8 OLA M . 13.87 9.59 -0.40
C9 OLA M . 12.57 9.78 -1.15
C10 OLA M . 12.16 11.00 -1.49
C11 OLA M . 12.99 12.21 -1.12
C12 OLA M . 13.55 12.84 -2.40
C13 OLA M . 14.59 13.91 -2.08
C14 OLA M . 15.27 14.38 -3.36
C15 OLA M . 14.24 14.82 -4.39
C16 OLA M . 14.88 15.04 -5.75
C17 OLA M . 13.82 15.38 -6.80
C18 OLA M . 14.37 15.25 -8.20
C10 OLA N . 14.09 0.64 -4.36
C11 OLA N . 13.03 0.49 -5.42
C12 OLA N . 12.73 1.85 -6.04
C13 OLA N . 11.81 1.72 -7.24
C14 OLA N . 11.48 3.08 -7.85
C15 OLA N . 10.63 2.91 -9.11
C16 OLA N . 10.19 4.26 -9.68
C17 OLA N . 9.24 4.08 -10.85
C18 OLA N . 8.89 5.41 -11.47
C10 OLA O . 10.23 39.27 6.61
C11 OLA O . 9.72 40.62 6.13
C12 OLA O . 10.70 41.19 5.11
C13 OLA O . 10.29 42.59 4.66
C14 OLA O . 11.37 43.23 3.79
C15 OLA O . 11.15 44.73 3.64
C16 OLA O . 12.37 45.41 3.04
C17 OLA O . 12.40 46.89 3.38
C18 OLA O . 13.64 47.56 2.83
C1 OLA P . -14.19 4.93 4.61
O1 OLA P . -14.51 5.83 5.42
O2 OLA P . -14.20 3.72 4.90
C2 OLA P . -13.77 5.33 3.21
C3 OLA P . -13.35 6.79 3.20
C4 OLA P . -12.87 7.21 1.82
C5 OLA P . -12.10 8.54 1.89
C6 OLA P . -13.01 9.69 2.29
C7 OLA P . -12.18 10.92 2.67
C8 OLA P . -12.78 12.20 2.09
C9 OLA P . -12.02 13.39 2.66
C10 OLA P . -11.57 14.36 1.87
C11 OLA P . -11.76 14.34 0.37
C12 OLA P . -12.39 15.65 -0.07
C13 OLA P . -12.53 15.76 -1.58
C14 OLA P . -11.22 16.17 -2.24
C15 OLA P . -11.48 16.77 -3.63
C16 OLA P . -12.20 18.10 -3.49
C17 OLA P . -12.90 18.48 -4.81
C18 OLA P . -13.70 19.75 -4.65
C1 OLA Q . -10.23 20.78 10.81
O1 OLA Q . -9.52 21.15 9.85
O2 OLA Q . -10.32 19.58 11.16
C2 OLA Q . -11.03 21.82 11.56
C3 OLA Q . -10.80 23.19 10.92
C4 OLA Q . -11.51 24.29 11.69
C5 OLA Q . -12.98 24.40 11.32
C6 OLA Q . -13.24 25.57 10.38
C7 OLA Q . -14.73 25.74 10.11
C8 OLA Q . -15.01 27.03 9.32
C9 OLA Q . -14.41 26.91 7.94
C1 OLA R . 12.36 16.37 18.04
O1 OLA R . 11.71 16.81 19.01
O2 OLA R . 12.93 15.25 18.05
C2 OLA R . 12.46 17.22 16.80
C3 OLA R . 11.49 16.72 15.74
C4 OLA R . 11.73 17.42 14.41
C5 OLA R . 10.51 17.31 13.50
C6 OLA R . 10.81 17.90 12.12
C7 OLA R . 9.55 18.51 11.50
C8 OLA R . 9.91 19.34 10.27
C9 OLA R . 8.85 20.40 10.02
C10 OLA R . 9.21 21.65 9.79
C11 OLA R . 10.68 22.03 9.79
C12 OLA R . 11.05 22.72 8.48
C13 OLA R . 12.56 22.92 8.42
C14 OLA R . 12.97 23.70 7.17
C1 OLA S . -5.46 20.68 25.46
O1 OLA S . -5.71 21.67 26.19
O2 OLA S . -5.86 19.52 25.72
C2 OLA S . -4.66 20.92 24.20
C3 OLA S . -5.40 21.90 23.31
C4 OLA S . -4.47 22.58 22.31
C5 OLA S . -4.15 21.69 21.12
C6 OLA S . -3.67 22.51 19.93
C7 OLA S . -2.41 23.31 20.25
C8 OLA S . -2.01 24.18 19.07
C9 OLA S . -0.64 24.79 19.32
C1 OLA T . -7.20 24.58 18.53
O1 OLA T . -8.34 24.13 18.72
O2 OLA T . -6.24 24.34 19.29
C2 OLA T . -6.95 25.47 17.33
C3 OLA T . -5.46 25.79 17.24
C4 OLA T . -5.17 26.77 16.10
C5 OLA T . -5.85 28.12 16.35
C6 OLA T . -5.42 29.14 15.31
C7 OLA T . -3.91 29.33 15.32
C8 OLA T . -3.49 30.55 14.50
C8 OLC U . -10.45 9.54 -4.14
C24 OLC U . -4.23 -1.72 -0.17
C7 OLC U . -9.82 8.19 -4.50
C6 OLC U . -10.02 7.18 -3.38
C5 OLC U . -9.20 5.92 -3.64
C4 OLC U . -9.32 4.91 -2.51
C3 OLC U . -8.47 3.68 -2.78
C2 OLC U . -8.42 2.72 -1.59
C21 OLC U . -5.69 0.17 -0.83
C1 OLC U . -7.41 1.63 -1.86
C22 OLC U . -5.67 -1.29 -0.39
O19 OLC U . -6.90 1.53 -2.96
O25 OLC U . -4.09 -3.12 -0.45
O23 OLC U . -6.42 -1.45 0.82
O20 OLC U . -7.02 0.70 -0.81
C24 OLC V . 4.49 40.82 4.02
C3 OLC V . 5.86 35.94 6.50
C2 OLC V . 6.03 35.95 4.99
C21 OLC V . 6.41 39.23 4.19
C1 OLC V . 5.22 37.07 4.38
C22 OLC V . 5.77 40.34 3.35
O19 OLC V . 4.41 36.84 3.51
O25 OLC V . 3.75 41.61 3.08
O23 OLC V . 6.70 41.41 3.24
O20 OLC V . 5.41 38.44 4.82
C18 OLC W . -11.73 26.10 16.40
C10 OLC W . -6.49 31.55 12.83
C9 OLC W . -5.71 31.63 11.76
C17 OLC W . -11.01 27.44 16.38
C11 OLC W . -7.92 32.06 12.78
C8 OLC W . -6.25 32.21 10.47
C24 OLC W . 0.28 38.44 3.32
C16 OLC W . -11.54 28.33 15.27
C12 OLC W . -8.85 30.97 13.27
C7 OLC W . -5.35 33.34 10.02
C15 OLC W . -10.70 29.59 15.12
C13 OLC W . -10.23 31.54 13.60
C6 OLC W . -3.93 32.86 9.79
C14 OLC W . -11.21 30.44 13.96
C5 OLC W . -3.07 33.96 9.20
C4 OLC W . -3.74 34.60 7.99
C3 OLC W . -2.91 35.77 7.48
C2 OLC W . -3.70 36.67 6.53
C21 OLC W . -0.29 37.85 5.65
C1 OLC W . -2.75 37.70 5.99
C22 OLC W . 0.70 37.59 4.51
O19 OLC W . -2.97 38.89 6.12
O25 OLC W . -1.12 38.74 3.42
O23 OLC W . 2.01 37.96 4.92
O20 OLC W . -1.54 37.27 5.32
#